data_1ABR
#
_entry.id   1ABR
#
_cell.length_a   84.580
_cell.length_b   73.070
_cell.length_c   48.230
_cell.angle_alpha   90.00
_cell.angle_beta   96.20
_cell.angle_gamma   90.00
#
_symmetry.space_group_name_H-M   'P 1 21 1'
#
loop_
_entity.id
_entity.type
_entity.pdbx_description
1 polymer ABRIN-A
2 polymer ABRIN-A
3 branched beta-D-mannopyranose-(1-3)-[alpha-D-mannopyranose-(1-6)]alpha-D-mannopyranose-(1-4)-2-acetamido-2-deoxy-alpha-L-glucopyranose-(1-4)-2-acetamido-2-deoxy-alpha-D-glucopyranose
4 branched beta-D-mannopyranose-(1-3)-[alpha-D-mannopyranose-(1-6)]beta-D-glucopyranose-(1-4)-2-acetamido-2-deoxy-alpha-D-glucopyranose-(1-4)-2-acetamido-2-deoxy-alpha-D-glucopyranose
5 water water
#
loop_
_entity_poly.entity_id
_entity_poly.type
_entity_poly.pdbx_seq_one_letter_code
_entity_poly.pdbx_strand_id
1 'polypeptide(L)'
;EDRPIKFSTEGATSQSYKQFIEALRERLRGGLIHDIPVLPDPTTLQERNRYITVELSNSDTESIEVGIDVTNAYVVAYRA
GTQSYFLRDAPSSASDYLFTGTDQHSLPFYGTYGDLERWAHQSRQQIPLGLQALTHGISFFRSGGNDNEEKARTLIVIIQ
MVAEAARFRYISNRVRVSIQTGTAFQPDAAMISLENNWDNLSRGVQESVQDTFPNQVTLTNIRNEPVIVDSLSHPTVAVL
ALMLFVCNPPN
;
A
2 'polypeptide(L)'
;IVEKSKICSSRYEPTVRIGGRDGMCVDVYDNGYHNGNRIIMWKCKDRLEENQLWTLKSDKTIRSNGKCLTTYGYAPGSYV
MIYDCTSAVAEATYWEIWDNGTIINPKSALVLSAESSSMGGTLTVQTNEYLMRQGWRTGNNTSPFVTSISGYSDLCMQAQ
GSNVWMADCDSNKKEQQWALYTDGSIRSVQNTNNCLTSKDHKQGSTILLMGCSNGWASQRWVFKNDGSIYSLYDDMVMDV
KGSDPSLKQIILWPYTGKPNQIWLTLF
;
B
#
loop_
_chem_comp.id
_chem_comp.type
_chem_comp.name
_chem_comp.formula
BGC D-saccharide, beta linking beta-D-glucopyranose 'C6 H12 O6'
BMA D-saccharide, beta linking beta-D-mannopyranose 'C6 H12 O6'
MAN D-saccharide, alpha linking alpha-D-mannopyranose 'C6 H12 O6'
NDG D-saccharide, alpha linking 2-acetamido-2-deoxy-alpha-D-glucopyranose 'C8 H15 N O6'
NGZ L-saccharide, alpha linking 2-acetamido-2-deoxy-alpha-L-glucopyranose 'C8 H15 N O6'
#
# COMPACT_ATOMS: atom_id res chain seq x y z
N GLU A 1 6.08 26.07 8.49
CA GLU A 1 6.95 25.38 9.49
C GLU A 1 8.40 25.42 8.99
N ASP A 2 8.84 24.35 8.32
CA ASP A 2 10.20 24.28 7.82
C ASP A 2 10.22 23.98 6.33
N ARG A 3 10.94 24.82 5.59
CA ARG A 3 11.08 24.67 4.14
C ARG A 3 12.53 24.45 3.60
N PRO A 4 13.56 24.54 4.46
CA PRO A 4 14.88 24.29 3.87
C PRO A 4 15.17 22.78 3.91
N ILE A 5 14.32 22.00 3.26
CA ILE A 5 14.54 20.57 3.24
C ILE A 5 15.61 20.41 2.20
N LYS A 6 16.79 19.99 2.63
CA LYS A 6 17.87 19.84 1.66
C LYS A 6 18.52 18.48 1.46
N PHE A 7 18.88 18.22 0.21
CA PHE A 7 19.59 17.02 -0.13
C PHE A 7 20.75 17.43 -1.01
N SER A 8 21.90 16.84 -0.78
CA SER A 8 23.07 17.16 -1.58
C SER A 8 23.63 15.95 -2.28
N THR A 9 23.67 16.02 -3.60
CA THR A 9 24.22 14.99 -4.44
C THR A 9 25.65 14.62 -4.00
N GLU A 10 26.29 15.53 -3.27
CA GLU A 10 27.66 15.33 -2.81
C GLU A 10 27.86 14.35 -1.65
N GLY A 11 28.59 13.28 -1.94
CA GLY A 11 28.89 12.27 -0.92
C GLY A 11 27.64 11.70 -0.29
N ALA A 12 26.55 11.69 -1.05
CA ALA A 12 25.27 11.16 -0.59
C ALA A 12 25.42 9.65 -0.30
N THR A 13 24.42 9.09 0.37
CA THR A 13 24.38 7.68 0.73
C THR A 13 22.91 7.31 0.71
N SER A 14 22.59 6.02 0.74
CA SER A 14 21.19 5.60 0.75
C SER A 14 20.59 6.16 2.04
N GLN A 15 21.41 6.22 3.07
CA GLN A 15 20.99 6.74 4.36
C GLN A 15 20.71 8.23 4.34
N SER A 16 21.50 8.99 3.58
CA SER A 16 21.26 10.43 3.50
C SER A 16 20.03 10.71 2.65
N TYR A 17 19.84 9.93 1.60
CA TYR A 17 18.67 10.08 0.74
C TYR A 17 17.42 9.73 1.57
N LYS A 18 17.46 8.61 2.29
CA LYS A 18 16.31 8.25 3.10
C LYS A 18 16.01 9.33 4.14
N GLN A 19 17.05 9.96 4.68
CA GLN A 19 16.81 11.03 5.65
C GLN A 19 16.10 12.23 4.98
N PHE A 20 16.38 12.43 3.69
CA PHE A 20 15.79 13.49 2.89
C PHE A 20 14.29 13.22 2.75
N ILE A 21 13.95 12.05 2.21
CA ILE A 21 12.57 11.63 2.00
C ILE A 21 11.74 11.55 3.28
N GLU A 22 12.39 11.22 4.40
CA GLU A 22 11.71 11.14 5.70
C GLU A 22 11.24 12.54 6.11
N ALA A 23 12.17 13.51 6.06
CA ALA A 23 11.93 14.92 6.37
C ALA A 23 10.86 15.46 5.48
N LEU A 24 11.01 15.18 4.19
CA LEU A 24 10.02 15.60 3.20
C LEU A 24 8.65 14.98 3.50
N ARG A 25 8.61 13.76 4.05
CA ARG A 25 7.31 13.16 4.37
C ARG A 25 6.71 13.81 5.62
N GLU A 26 7.56 14.05 6.62
CA GLU A 26 7.11 14.68 7.87
C GLU A 26 6.52 16.06 7.62
N ARG A 27 6.96 16.73 6.55
CA ARG A 27 6.45 18.05 6.25
C ARG A 27 5.06 18.08 5.64
N LEU A 28 4.79 17.18 4.70
CA LEU A 28 3.51 17.13 3.98
C LEU A 28 2.32 16.37 4.59
N ARG A 29 2.53 15.62 5.66
CA ARG A 29 1.39 14.89 6.22
C ARG A 29 0.55 15.80 7.10
N GLY A 30 -0.76 15.65 6.97
CA GLY A 30 -1.67 16.46 7.76
C GLY A 30 -2.74 15.59 8.38
N GLY A 31 -2.43 14.31 8.56
CA GLY A 31 -3.39 13.42 9.13
C GLY A 31 -3.15 11.98 8.77
N LEU A 32 -4.01 11.12 9.29
CA LEU A 32 -4.00 9.68 9.07
C LEU A 32 -5.43 9.28 8.73
N ILE A 33 -5.59 8.31 7.85
CA ILE A 33 -6.91 7.84 7.51
C ILE A 33 -6.76 6.33 7.27
N HIS A 34 -7.37 5.54 8.17
CA HIS A 34 -7.23 4.10 8.12
C HIS A 34 -5.74 3.86 8.28
N ASP A 35 -5.18 4.52 9.29
CA ASP A 35 -3.75 4.45 9.62
C ASP A 35 -2.65 4.91 8.62
N ILE A 36 -3.02 5.33 7.42
CA ILE A 36 -2.09 5.80 6.39
C ILE A 36 -2.11 7.33 6.35
N PRO A 37 -0.92 7.98 6.25
CA PRO A 37 -0.74 9.43 6.21
C PRO A 37 -1.33 10.04 4.98
N VAL A 38 -2.00 11.16 5.19
CA VAL A 38 -2.65 11.85 4.09
C VAL A 38 -2.22 13.32 4.09
N LEU A 39 -2.02 13.87 2.90
CA LEU A 39 -1.65 15.26 2.71
C LEU A 39 -2.78 16.08 3.28
N PRO A 40 -2.50 17.35 3.59
CA PRO A 40 -3.47 18.30 4.15
C PRO A 40 -4.68 18.57 3.25
N ASP A 41 -5.82 18.84 3.88
CA ASP A 41 -7.04 19.19 3.14
C ASP A 41 -6.76 20.60 2.61
N PRO A 42 -6.86 20.81 1.28
CA PRO A 42 -6.60 22.11 0.65
C PRO A 42 -7.37 23.31 1.19
N THR A 43 -8.50 23.06 1.85
CA THR A 43 -9.36 24.09 2.44
C THR A 43 -8.82 24.51 3.81
N THR A 44 -8.04 23.63 4.41
CA THR A 44 -7.48 23.89 5.70
C THR A 44 -6.29 24.87 5.72
N LEU A 45 -5.73 25.20 4.57
CA LEU A 45 -4.57 26.11 4.58
C LEU A 45 -4.69 27.42 3.81
N GLN A 46 -3.86 28.37 4.22
CA GLN A 46 -3.80 29.70 3.62
C GLN A 46 -2.62 29.67 2.64
N GLU A 47 -2.77 30.31 1.47
CA GLU A 47 -1.71 30.36 0.44
C GLU A 47 -0.29 30.40 0.97
N ARG A 48 -0.09 31.10 2.08
CA ARG A 48 1.25 31.18 2.64
C ARG A 48 1.84 29.90 3.19
N ASN A 49 1.01 28.89 3.48
CA ASN A 49 1.51 27.62 4.01
C ASN A 49 1.35 26.54 2.96
N ARG A 50 0.85 26.94 1.81
CA ARG A 50 0.61 26.00 0.74
C ARG A 50 1.87 25.53 -0.03
N TYR A 51 2.99 26.23 0.07
CA TYR A 51 4.17 25.81 -0.67
C TYR A 51 5.38 25.65 0.22
N ILE A 52 6.31 24.77 -0.18
CA ILE A 52 7.56 24.51 0.54
C ILE A 52 8.67 24.38 -0.51
N THR A 53 9.93 24.36 -0.08
CA THR A 53 11.02 24.20 -1.03
C THR A 53 12.01 23.11 -0.65
N VAL A 54 12.51 22.42 -1.66
CA VAL A 54 13.48 21.39 -1.45
C VAL A 54 14.73 21.88 -2.14
N GLU A 55 15.82 22.05 -1.38
CA GLU A 55 17.05 22.50 -2.00
C GLU A 55 17.86 21.28 -2.37
N LEU A 56 18.14 21.14 -3.66
CA LEU A 56 18.91 20.00 -4.20
C LEU A 56 20.29 20.48 -4.69
N SER A 57 21.30 20.34 -3.83
CA SER A 57 22.66 20.74 -4.16
C SER A 57 23.57 19.66 -4.78
N ASN A 58 24.52 20.12 -5.59
CA ASN A 58 25.53 19.27 -6.23
C ASN A 58 26.83 19.66 -5.53
N SER A 59 26.82 20.87 -4.99
CA SER A 59 27.93 21.46 -4.28
C SER A 59 27.29 22.60 -3.48
N ASP A 60 28.03 23.12 -2.50
CA ASP A 60 27.51 24.24 -1.72
C ASP A 60 27.32 25.52 -2.59
N THR A 61 27.66 25.40 -3.87
CA THR A 61 27.53 26.51 -4.81
C THR A 61 26.45 26.23 -5.87
N GLU A 62 26.60 25.11 -6.56
CA GLU A 62 25.69 24.68 -7.62
C GLU A 62 24.51 23.92 -7.01
N SER A 63 23.31 24.30 -7.36
CA SER A 63 22.13 23.66 -6.80
C SER A 63 20.90 24.42 -7.23
N ILE A 64 19.74 23.79 -7.04
CA ILE A 64 18.47 24.39 -7.40
C ILE A 64 17.48 24.20 -6.26
N GLU A 65 16.35 24.88 -6.34
CA GLU A 65 15.31 24.76 -5.35
C GLU A 65 14.04 24.38 -6.08
N VAL A 66 13.24 23.47 -5.54
CA VAL A 66 11.99 23.08 -6.19
C VAL A 66 10.76 23.45 -5.35
N GLY A 67 9.82 24.12 -5.99
CA GLY A 67 8.59 24.54 -5.34
C GLY A 67 7.55 23.44 -5.38
N ILE A 68 7.18 22.97 -4.21
CA ILE A 68 6.21 21.89 -4.05
C ILE A 68 4.92 22.38 -3.35
N ASP A 69 3.78 21.98 -3.91
CA ASP A 69 2.45 22.32 -3.39
C ASP A 69 2.18 21.21 -2.39
N VAL A 70 2.11 21.53 -1.10
CA VAL A 70 1.85 20.51 -0.09
C VAL A 70 0.47 19.87 -0.25
N THR A 71 -0.43 20.58 -0.92
CA THR A 71 -1.75 20.05 -1.16
C THR A 71 -1.78 18.75 -1.99
N ASN A 72 -0.79 18.52 -2.85
CA ASN A 72 -0.77 17.33 -3.70
C ASN A 72 0.64 16.84 -4.04
N ALA A 73 1.65 17.46 -3.45
CA ALA A 73 3.03 17.07 -3.66
C ALA A 73 3.62 17.32 -5.03
N TYR A 74 2.92 18.07 -5.86
CA TYR A 74 3.38 18.40 -7.21
C TYR A 74 4.47 19.48 -7.17
N VAL A 75 5.27 19.49 -8.25
CA VAL A 75 6.32 20.50 -8.41
C VAL A 75 5.65 21.54 -9.29
N VAL A 76 5.72 22.80 -8.87
CA VAL A 76 5.07 23.88 -9.60
C VAL A 76 6.01 24.92 -10.18
N ALA A 77 7.22 24.98 -9.64
CA ALA A 77 8.26 25.92 -10.08
C ALA A 77 9.61 25.40 -9.63
N TYR A 78 10.67 25.86 -10.28
CA TYR A 78 12.05 25.49 -9.90
C TYR A 78 12.81 26.78 -9.97
N ARG A 79 13.82 26.91 -9.13
CA ARG A 79 14.59 28.13 -9.08
C ARG A 79 16.08 27.89 -9.22
N ALA A 80 16.75 28.76 -9.97
CA ALA A 80 18.19 28.67 -10.18
C ALA A 80 18.74 30.08 -10.15
N GLY A 81 19.38 30.45 -9.05
CA GLY A 81 19.92 31.81 -8.92
C GLY A 81 18.75 32.74 -8.65
N THR A 82 18.75 33.92 -9.26
CA THR A 82 17.61 34.80 -9.06
C THR A 82 16.67 34.66 -10.21
N GLN A 83 16.36 33.40 -10.53
CA GLN A 83 15.44 33.10 -11.61
C GLN A 83 14.64 31.88 -11.21
N SER A 84 13.34 32.02 -11.31
CA SER A 84 12.45 30.95 -11.02
C SER A 84 11.56 30.81 -12.25
N TYR A 85 11.16 29.58 -12.51
CA TYR A 85 10.33 29.25 -13.66
C TYR A 85 9.16 28.51 -13.09
N PHE A 86 7.95 28.93 -13.47
CA PHE A 86 6.73 28.29 -12.96
C PHE A 86 6.07 27.50 -14.02
N LEU A 87 5.65 26.28 -13.70
CA LEU A 87 4.96 25.43 -14.67
C LEU A 87 3.64 26.09 -15.10
N ARG A 88 3.20 25.79 -16.31
CA ARG A 88 1.98 26.34 -16.88
C ARG A 88 0.72 26.10 -16.07
N ASP A 89 0.73 25.12 -15.17
CA ASP A 89 -0.46 24.94 -14.37
C ASP A 89 -0.25 24.95 -12.86
N ALA A 90 0.78 25.66 -12.44
CA ALA A 90 1.02 25.83 -11.02
C ALA A 90 -0.15 26.75 -10.64
N PRO A 91 -0.68 26.65 -9.41
CA PRO A 91 -1.79 27.49 -8.98
C PRO A 91 -1.50 28.98 -9.22
N SER A 92 -2.54 29.82 -9.21
CA SER A 92 -2.43 31.28 -9.41
C SER A 92 -1.57 32.01 -8.34
N SER A 93 -1.70 31.58 -7.09
CA SER A 93 -0.96 32.16 -5.97
C SER A 93 0.50 31.77 -5.92
N ALA A 94 0.92 30.91 -6.83
CA ALA A 94 2.29 30.41 -6.87
C ALA A 94 3.32 31.50 -6.69
N SER A 95 3.45 32.31 -7.73
CA SER A 95 4.41 33.42 -7.79
C SER A 95 4.29 34.41 -6.64
N ASP A 96 3.18 34.38 -5.91
CA ASP A 96 2.99 35.28 -4.77
C ASP A 96 3.91 35.00 -3.59
N TYR A 97 4.19 33.73 -3.29
CA TYR A 97 5.12 33.45 -2.22
C TYR A 97 6.08 32.32 -2.49
N LEU A 98 6.35 32.05 -3.76
CA LEU A 98 7.28 31.00 -4.05
C LEU A 98 8.66 31.61 -4.17
N PHE A 99 9.03 32.08 -5.34
CA PHE A 99 10.38 32.62 -5.41
C PHE A 99 10.38 34.10 -5.60
N THR A 100 9.86 34.73 -4.56
CA THR A 100 9.65 36.14 -4.39
C THR A 100 10.73 37.17 -4.81
N GLY A 101 11.98 37.02 -4.36
CA GLY A 101 13.03 37.98 -4.73
C GLY A 101 13.84 37.45 -5.90
N THR A 102 13.13 37.20 -7.00
CA THR A 102 13.70 36.55 -8.15
C THR A 102 12.90 36.98 -9.38
N ASP A 103 13.50 36.92 -10.56
CA ASP A 103 12.77 37.26 -11.79
C ASP A 103 12.04 35.97 -12.10
N GLN A 104 10.73 35.99 -11.93
CA GLN A 104 9.93 34.80 -12.17
C GLN A 104 9.51 34.76 -13.63
N HIS A 105 9.46 33.55 -14.19
CA HIS A 105 9.09 33.37 -15.59
C HIS A 105 8.13 32.20 -15.68
N SER A 106 7.31 32.19 -16.71
CA SER A 106 6.39 31.09 -16.89
C SER A 106 6.99 30.18 -17.93
N LEU A 107 6.78 28.87 -17.76
CA LEU A 107 7.25 27.87 -18.72
C LEU A 107 5.98 27.59 -19.51
N PRO A 108 6.08 27.10 -20.75
CA PRO A 108 4.87 26.83 -21.54
C PRO A 108 4.21 25.44 -21.52
N PHE A 109 4.48 24.65 -20.48
CA PHE A 109 3.92 23.29 -20.36
C PHE A 109 3.75 23.02 -18.86
N TYR A 110 2.94 22.03 -18.45
CA TYR A 110 2.81 21.75 -17.01
C TYR A 110 3.59 20.50 -16.65
N GLY A 111 3.71 20.23 -15.35
CA GLY A 111 4.45 19.08 -14.84
C GLY A 111 3.70 17.77 -14.86
N THR A 112 2.77 17.71 -15.78
CA THR A 112 1.96 16.53 -15.94
C THR A 112 2.82 15.61 -16.82
N TYR A 113 2.95 14.34 -16.44
CA TYR A 113 3.65 13.40 -17.31
C TYR A 113 2.66 13.41 -18.49
N GLY A 114 3.13 13.53 -19.70
CA GLY A 114 2.14 13.60 -20.78
C GLY A 114 2.60 14.83 -21.48
N ASP A 115 2.57 15.95 -20.75
CA ASP A 115 3.03 17.22 -21.25
C ASP A 115 4.55 17.21 -21.15
N LEU A 116 5.10 16.78 -20.02
CA LEU A 116 6.54 16.71 -19.85
C LEU A 116 7.09 15.69 -20.85
N GLU A 117 6.45 14.54 -20.95
CA GLU A 117 6.87 13.51 -21.87
C GLU A 117 6.68 13.97 -23.33
N ARG A 118 5.67 14.77 -23.60
CA ARG A 118 5.47 15.26 -24.97
C ARG A 118 6.71 16.06 -25.35
N TRP A 119 7.15 16.91 -24.43
CA TRP A 119 8.31 17.76 -24.64
C TRP A 119 9.61 16.98 -24.76
N ALA A 120 9.98 16.26 -23.70
CA ALA A 120 11.17 15.43 -23.75
C ALA A 120 10.61 14.31 -24.60
N HIS A 121 11.04 14.17 -25.86
CA HIS A 121 10.47 13.11 -26.69
C HIS A 121 10.63 11.67 -26.12
N GLN A 122 11.02 11.56 -24.86
CA GLN A 122 11.21 10.27 -24.18
C GLN A 122 10.05 10.01 -23.22
N SER A 123 9.93 8.78 -22.74
CA SER A 123 8.90 8.37 -21.79
C SER A 123 9.57 8.06 -20.49
N ARG A 124 8.79 7.96 -19.42
CA ARG A 124 9.34 7.68 -18.10
C ARG A 124 10.22 6.42 -18.12
N GLN A 125 9.72 5.38 -18.82
CA GLN A 125 10.41 4.08 -18.97
C GLN A 125 11.76 4.15 -19.67
N GLN A 126 12.00 5.27 -20.34
CA GLN A 126 13.22 5.49 -21.10
C GLN A 126 14.16 6.37 -20.32
N ILE A 127 13.63 7.21 -19.46
CA ILE A 127 14.48 8.13 -18.74
C ILE A 127 15.02 7.48 -17.47
N PRO A 128 16.34 7.25 -17.41
CA PRO A 128 16.95 6.63 -16.23
C PRO A 128 17.00 7.60 -15.07
N LEU A 129 16.98 7.07 -13.85
CA LEU A 129 17.00 7.86 -12.61
C LEU A 129 18.23 7.42 -11.80
N GLY A 130 18.66 8.24 -10.85
CA GLY A 130 19.82 7.89 -10.05
C GLY A 130 20.58 9.14 -9.68
N LEU A 131 21.67 9.02 -8.93
CA LEU A 131 22.45 10.18 -8.50
C LEU A 131 23.08 10.92 -9.67
N GLN A 132 23.36 10.20 -10.75
CA GLN A 132 23.98 10.77 -11.95
C GLN A 132 23.01 11.61 -12.79
N ALA A 133 21.77 11.16 -12.91
CA ALA A 133 20.77 11.88 -13.65
C ALA A 133 20.26 13.06 -12.81
N LEU A 134 20.39 12.96 -11.49
CA LEU A 134 19.98 14.04 -10.60
C LEU A 134 21.04 15.14 -10.73
N THR A 135 22.31 14.75 -10.58
CA THR A 135 23.44 15.68 -10.70
C THR A 135 23.41 16.49 -12.00
N HIS A 136 23.02 15.85 -13.10
CA HIS A 136 22.94 16.52 -14.39
C HIS A 136 21.78 17.50 -14.43
N GLY A 137 20.65 17.14 -13.80
CA GLY A 137 19.50 18.02 -13.78
C GLY A 137 19.90 19.29 -13.06
N ILE A 138 20.52 19.13 -11.90
CA ILE A 138 20.95 20.27 -11.14
C ILE A 138 21.89 21.14 -11.97
N SER A 139 22.78 20.52 -12.73
CA SER A 139 23.73 21.25 -13.56
C SER A 139 23.07 21.89 -14.78
N PHE A 140 22.16 21.18 -15.46
CA PHE A 140 21.47 21.71 -16.63
C PHE A 140 20.67 22.95 -16.26
N PHE A 141 19.85 22.81 -15.23
CA PHE A 141 19.01 23.89 -14.77
C PHE A 141 19.73 25.09 -14.23
N ARG A 142 20.79 24.83 -13.48
CA ARG A 142 21.58 25.89 -12.88
C ARG A 142 22.23 26.64 -14.01
N SER A 143 23.03 25.91 -14.79
CA SER A 143 23.78 26.42 -15.94
C SER A 143 23.00 27.43 -16.80
N GLY A 144 21.68 27.45 -16.64
CA GLY A 144 20.87 28.35 -17.41
C GLY A 144 20.29 27.49 -18.49
N GLY A 145 19.94 26.26 -18.11
CA GLY A 145 19.34 25.33 -19.05
C GLY A 145 18.21 26.13 -19.63
N ASN A 146 18.17 26.20 -20.95
CA ASN A 146 17.14 26.94 -21.65
C ASN A 146 16.30 26.08 -22.55
N ASP A 147 16.87 24.98 -23.02
CA ASP A 147 16.16 24.05 -23.89
C ASP A 147 14.91 23.48 -23.23
N ASN A 148 13.77 23.50 -23.93
CA ASN A 148 12.52 22.96 -23.40
C ASN A 148 12.49 21.43 -23.42
N GLU A 149 13.18 20.84 -24.37
CA GLU A 149 13.19 19.38 -24.43
C GLU A 149 13.80 18.84 -23.14
N GLU A 150 15.00 19.31 -22.84
CA GLU A 150 15.75 18.90 -21.67
C GLU A 150 15.29 19.42 -20.30
N LYS A 151 14.50 20.48 -20.29
CA LYS A 151 13.99 21.01 -19.04
C LYS A 151 12.89 20.02 -18.65
N ALA A 152 12.06 19.68 -19.63
CA ALA A 152 10.98 18.73 -19.48
C ALA A 152 11.55 17.38 -19.11
N ARG A 153 12.67 17.03 -19.69
CA ARG A 153 13.29 15.75 -19.41
C ARG A 153 13.84 15.67 -17.99
N THR A 154 14.43 16.74 -17.48
CA THR A 154 15.00 16.69 -16.14
C THR A 154 13.98 16.92 -15.06
N LEU A 155 12.78 17.37 -15.44
CA LEU A 155 11.75 17.57 -14.45
C LEU A 155 11.22 16.18 -14.14
N ILE A 156 11.13 15.32 -15.16
CA ILE A 156 10.66 13.94 -14.95
C ILE A 156 11.52 13.24 -13.89
N VAL A 157 12.81 13.41 -14.01
CA VAL A 157 13.75 12.84 -13.08
C VAL A 157 13.49 13.37 -11.67
N ILE A 158 13.48 14.70 -11.55
CA ILE A 158 13.27 15.42 -10.29
C ILE A 158 11.96 15.04 -9.57
N ILE A 159 10.87 15.07 -10.32
CA ILE A 159 9.55 14.72 -9.83
C ILE A 159 9.53 13.28 -9.29
N GLN A 160 10.08 12.31 -10.04
CA GLN A 160 10.11 10.93 -9.58
C GLN A 160 11.04 10.76 -8.36
N MET A 161 12.25 11.29 -8.39
CA MET A 161 13.11 11.07 -7.24
C MET A 161 12.73 11.85 -6.00
N VAL A 162 11.84 12.81 -6.18
CA VAL A 162 11.42 13.60 -5.04
C VAL A 162 9.94 13.46 -4.65
N ALA A 163 9.03 13.85 -5.53
CA ALA A 163 7.62 13.79 -5.21
C ALA A 163 7.05 12.38 -5.21
N GLU A 164 7.46 11.57 -6.19
CA GLU A 164 6.96 10.20 -6.31
C GLU A 164 7.59 9.31 -5.25
N ALA A 165 8.79 9.69 -4.83
CA ALA A 165 9.51 8.95 -3.80
C ALA A 165 8.85 9.16 -2.44
N ALA A 166 8.36 10.37 -2.19
CA ALA A 166 7.69 10.73 -0.92
C ALA A 166 6.37 10.00 -0.70
N ARG A 167 5.68 9.71 -1.78
CA ARG A 167 4.39 9.05 -1.75
C ARG A 167 4.41 7.54 -1.55
N PHE A 168 5.40 6.87 -2.13
CA PHE A 168 5.47 5.42 -2.05
C PHE A 168 6.77 4.91 -1.47
N ARG A 169 6.68 3.98 -0.52
CA ARG A 169 7.86 3.38 0.07
C ARG A 169 8.64 2.58 -1.00
N TYR A 170 7.93 2.03 -1.95
CA TYR A 170 8.56 1.28 -3.03
C TYR A 170 9.56 2.14 -3.86
N ILE A 171 9.11 3.27 -4.38
CA ILE A 171 9.95 4.15 -5.17
C ILE A 171 11.15 4.71 -4.42
N SER A 172 11.04 4.94 -3.12
CA SER A 172 12.20 5.42 -2.40
C SER A 172 13.20 4.30 -2.19
N ASN A 173 12.71 3.07 -1.99
CA ASN A 173 13.61 1.91 -1.82
C ASN A 173 14.42 1.78 -3.10
N ARG A 174 13.74 1.86 -4.23
CA ARG A 174 14.42 1.79 -5.51
C ARG A 174 15.46 2.93 -5.61
N VAL A 175 15.03 4.17 -5.48
CA VAL A 175 15.96 5.28 -5.60
C VAL A 175 17.12 5.12 -4.65
N ARG A 176 16.84 4.61 -3.46
CA ARG A 176 17.86 4.39 -2.46
C ARG A 176 18.88 3.33 -2.89
N VAL A 177 18.44 2.32 -3.63
CA VAL A 177 19.35 1.25 -4.05
C VAL A 177 20.29 1.61 -5.20
N SER A 178 19.80 2.43 -6.12
CA SER A 178 20.59 2.89 -7.26
C SER A 178 21.70 3.77 -6.72
N ILE A 179 21.45 4.36 -5.56
CA ILE A 179 22.45 5.21 -4.92
C ILE A 179 23.48 4.34 -4.22
N GLN A 180 23.00 3.33 -3.48
CA GLN A 180 23.88 2.43 -2.75
C GLN A 180 24.73 1.57 -3.67
N THR A 181 24.26 1.35 -4.88
CA THR A 181 25.01 0.56 -5.85
C THR A 181 25.57 1.40 -7.00
N GLY A 182 25.51 2.74 -6.89
CA GLY A 182 26.01 3.59 -7.97
C GLY A 182 25.53 3.09 -9.33
N THR A 183 24.26 2.68 -9.41
CA THR A 183 23.68 2.16 -10.64
C THR A 183 22.33 2.80 -11.02
N ALA A 184 22.32 3.47 -12.17
CA ALA A 184 21.13 4.11 -12.69
C ALA A 184 20.09 3.06 -13.11
N PHE A 185 18.80 3.44 -13.02
CA PHE A 185 17.73 2.53 -13.41
C PHE A 185 16.54 3.17 -14.13
N GLN A 186 15.91 2.39 -14.97
CA GLN A 186 14.76 2.87 -15.69
C GLN A 186 13.55 2.27 -14.97
N PRO A 187 12.59 3.11 -14.57
CA PRO A 187 11.39 2.68 -13.87
C PRO A 187 10.62 1.52 -14.52
N ASP A 188 10.45 0.44 -13.74
CA ASP A 188 9.72 -0.75 -14.18
C ASP A 188 8.21 -0.54 -14.16
N ALA A 189 7.45 -1.49 -14.72
CA ALA A 189 5.99 -1.39 -14.81
C ALA A 189 5.25 -1.24 -13.48
N ALA A 190 5.86 -1.68 -12.38
CA ALA A 190 5.23 -1.53 -11.07
C ALA A 190 5.31 -0.05 -10.70
N MET A 191 6.51 0.51 -10.78
CA MET A 191 6.75 1.91 -10.44
C MET A 191 5.77 2.84 -11.18
N ILE A 192 5.64 2.61 -12.48
CA ILE A 192 4.79 3.39 -13.32
C ILE A 192 3.30 3.22 -12.99
N SER A 193 2.89 1.98 -12.66
CA SER A 193 1.50 1.74 -12.33
C SER A 193 1.20 2.36 -10.96
N LEU A 194 2.22 2.46 -10.12
CA LEU A 194 2.03 3.08 -8.83
C LEU A 194 1.85 4.59 -9.03
N GLU A 195 2.76 5.18 -9.81
CA GLU A 195 2.75 6.61 -10.11
C GLU A 195 1.43 7.00 -10.75
N ASN A 196 0.93 6.11 -11.60
CA ASN A 196 -0.30 6.35 -12.33
C ASN A 196 -1.56 6.22 -11.49
N ASN A 197 -1.53 5.38 -10.48
CA ASN A 197 -2.71 5.13 -9.67
C ASN A 197 -2.72 5.79 -8.29
N TRP A 198 -1.92 6.83 -8.10
CA TRP A 198 -1.86 7.48 -6.80
C TRP A 198 -3.22 7.97 -6.31
N ASP A 199 -3.90 8.69 -7.16
CA ASP A 199 -5.19 9.23 -6.86
C ASP A 199 -6.23 8.13 -6.63
N ASN A 200 -6.24 7.14 -7.51
CA ASN A 200 -7.19 6.03 -7.44
C ASN A 200 -7.04 5.26 -6.15
N LEU A 201 -5.80 5.01 -5.76
CA LEU A 201 -5.50 4.32 -4.50
C LEU A 201 -5.95 5.16 -3.29
N SER A 202 -5.67 6.46 -3.36
CA SER A 202 -6.01 7.39 -2.28
C SER A 202 -7.50 7.45 -2.03
N ARG A 203 -8.27 7.50 -3.13
CA ARG A 203 -9.73 7.53 -3.08
C ARG A 203 -10.26 6.24 -2.51
N GLY A 204 -9.91 5.12 -3.12
CA GLY A 204 -10.39 3.84 -2.62
C GLY A 204 -10.19 3.68 -1.13
N VAL A 205 -9.01 4.02 -0.66
CA VAL A 205 -8.74 3.89 0.74
C VAL A 205 -9.70 4.78 1.55
N GLN A 206 -9.78 6.05 1.20
CA GLN A 206 -10.65 6.93 1.96
C GLN A 206 -12.13 6.68 1.74
N GLU A 207 -12.53 6.16 0.59
CA GLU A 207 -13.93 5.91 0.35
C GLU A 207 -14.40 4.49 0.68
N SER A 208 -13.46 3.60 1.01
CA SER A 208 -13.76 2.20 1.31
C SER A 208 -14.91 2.03 2.31
N VAL A 209 -15.76 1.03 2.08
CA VAL A 209 -16.91 0.79 2.95
C VAL A 209 -16.74 -0.26 4.01
N GLN A 210 -16.51 -1.50 3.62
CA GLN A 210 -16.31 -2.55 4.61
C GLN A 210 -15.00 -3.20 4.19
N ASP A 211 -13.90 -2.49 4.44
CA ASP A 211 -12.58 -2.99 4.05
C ASP A 211 -12.54 -3.08 2.53
N THR A 212 -13.40 -2.31 1.85
CA THR A 212 -13.53 -2.36 0.40
C THR A 212 -13.61 -1.03 -0.38
N PHE A 213 -12.76 -0.89 -1.38
CA PHE A 213 -12.75 0.28 -2.23
C PHE A 213 -14.00 0.18 -3.11
N PRO A 214 -14.72 1.29 -3.37
CA PRO A 214 -15.91 1.18 -4.21
C PRO A 214 -15.51 0.78 -5.62
N ASN A 215 -14.29 1.11 -6.02
CA ASN A 215 -13.77 0.78 -7.35
C ASN A 215 -12.38 0.14 -7.25
N GLN A 216 -12.18 -0.95 -8.00
CA GLN A 216 -10.90 -1.68 -8.02
C GLN A 216 -9.72 -0.92 -8.62
N VAL A 217 -8.54 -1.14 -8.05
CA VAL A 217 -7.30 -0.54 -8.50
C VAL A 217 -6.43 -1.62 -9.12
N THR A 218 -6.19 -1.47 -10.42
CA THR A 218 -5.40 -2.41 -11.17
C THR A 218 -3.97 -1.94 -11.33
N LEU A 219 -3.08 -2.62 -10.63
CA LEU A 219 -1.69 -2.30 -10.69
C LEU A 219 -1.01 -3.37 -11.54
N THR A 220 0.29 -3.28 -11.68
CA THR A 220 1.06 -4.21 -12.48
C THR A 220 2.31 -4.57 -11.68
N ASN A 221 2.72 -5.83 -11.69
CA ASN A 221 3.94 -6.16 -10.95
C ASN A 221 5.14 -5.98 -11.89
N ILE A 222 6.35 -6.31 -11.47
CA ILE A 222 7.50 -6.13 -12.36
C ILE A 222 7.38 -6.96 -13.64
N ARG A 223 6.89 -8.18 -13.55
CA ARG A 223 6.72 -9.02 -14.73
C ARG A 223 5.69 -8.43 -15.68
N ASN A 224 5.08 -7.34 -15.26
CA ASN A 224 4.04 -6.68 -16.02
C ASN A 224 2.80 -7.55 -16.08
N GLU A 225 2.24 -7.82 -14.91
CA GLU A 225 1.04 -8.62 -14.77
C GLU A 225 0.13 -7.90 -13.78
N PRO A 226 -1.19 -8.02 -14.00
CA PRO A 226 -2.28 -7.44 -13.20
C PRO A 226 -2.30 -7.84 -11.73
N VAL A 227 -2.24 -6.84 -10.87
CA VAL A 227 -2.33 -7.04 -9.44
C VAL A 227 -3.56 -6.21 -9.07
N ILE A 228 -4.74 -6.83 -9.02
CA ILE A 228 -5.91 -6.03 -8.69
C ILE A 228 -6.15 -5.92 -7.18
N VAL A 229 -6.29 -4.68 -6.74
CA VAL A 229 -6.45 -4.34 -5.33
C VAL A 229 -7.85 -3.77 -5.17
N ASP A 230 -8.51 -4.12 -4.09
CA ASP A 230 -9.87 -3.62 -3.86
C ASP A 230 -10.21 -3.80 -2.38
N SER A 231 -9.19 -3.81 -1.53
CA SER A 231 -9.40 -4.03 -0.10
C SER A 231 -8.26 -3.49 0.73
N LEU A 232 -8.58 -3.01 1.95
CA LEU A 232 -7.55 -2.52 2.86
C LEU A 232 -6.72 -3.68 3.41
N SER A 233 -7.22 -4.91 3.31
CA SER A 233 -6.40 -6.01 3.82
C SER A 233 -5.45 -6.56 2.76
N HIS A 234 -5.52 -6.04 1.53
CA HIS A 234 -4.60 -6.51 0.49
C HIS A 234 -3.23 -5.93 0.88
N PRO A 235 -2.15 -6.74 0.86
CA PRO A 235 -0.81 -6.27 1.24
C PRO A 235 -0.08 -5.23 0.43
N THR A 236 -0.44 -5.08 -0.84
CA THR A 236 0.18 -4.07 -1.71
C THR A 236 -0.08 -2.64 -1.16
N VAL A 237 -1.21 -2.51 -0.47
CA VAL A 237 -1.67 -1.24 0.11
C VAL A 237 -0.58 -0.59 0.94
N ALA A 238 0.24 -1.41 1.59
CA ALA A 238 1.33 -0.91 2.45
C ALA A 238 2.53 -0.18 1.80
N VAL A 239 2.58 -0.11 0.48
CA VAL A 239 3.69 0.60 -0.15
C VAL A 239 3.34 2.08 -0.22
N LEU A 240 2.11 2.41 0.20
CA LEU A 240 1.60 3.80 0.20
C LEU A 240 2.11 4.59 1.42
N ALA A 241 2.90 5.64 1.20
CA ALA A 241 3.38 6.41 2.32
C ALA A 241 2.64 7.69 2.53
N LEU A 242 1.98 8.20 1.49
CA LEU A 242 1.25 9.46 1.58
C LEU A 242 0.14 9.45 0.59
N MET A 243 -1.06 9.73 1.08
CA MET A 243 -2.20 9.76 0.19
C MET A 243 -2.56 11.20 -0.17
N LEU A 244 -3.31 11.34 -1.25
CA LEU A 244 -3.79 12.63 -1.70
C LEU A 244 -5.12 12.78 -0.99
N PHE A 245 -5.36 13.89 -0.29
CA PHE A 245 -6.66 14.03 0.39
C PHE A 245 -7.85 14.04 -0.59
N VAL A 246 -8.87 13.21 -0.34
CA VAL A 246 -10.05 13.21 -1.22
C VAL A 246 -11.38 13.45 -0.47
N CYS A 247 -11.49 13.00 0.78
CA CYS A 247 -12.70 13.18 1.58
C CYS A 247 -12.57 12.55 2.95
N ASN A 248 -13.23 13.13 3.93
CA ASN A 248 -13.19 12.60 5.28
C ASN A 248 -14.26 11.56 5.41
N PRO A 249 -13.88 10.32 5.73
CA PRO A 249 -14.83 9.22 5.88
C PRO A 249 -15.81 9.57 6.99
N PRO A 250 -17.12 9.40 6.75
CA PRO A 250 -18.10 9.74 7.78
C PRO A 250 -17.98 8.82 8.99
N ASN A 251 -18.23 9.36 10.17
CA ASN A 251 -18.13 8.56 11.39
C ASN A 251 -19.48 8.07 11.91
N ILE B 1 -6.42 23.51 10.02
CA ILE B 1 -7.87 23.13 9.95
C ILE B 1 -8.63 24.45 10.01
N VAL B 2 -9.89 24.42 9.58
CA VAL B 2 -10.75 25.60 9.56
C VAL B 2 -12.14 25.15 9.06
N GLU B 3 -12.74 25.84 8.08
CA GLU B 3 -14.06 25.46 7.56
C GLU B 3 -13.86 24.14 6.80
N LYS B 4 -13.68 23.05 7.54
CA LYS B 4 -13.44 21.74 6.96
C LYS B 4 -14.46 21.43 5.87
N SER B 5 -14.11 20.55 4.92
CA SER B 5 -15.07 20.25 3.87
C SER B 5 -15.60 18.81 3.64
N LYS B 6 -15.36 18.25 2.45
CA LYS B 6 -15.87 16.94 2.01
C LYS B 6 -15.94 15.73 2.93
N ILE B 7 -17.09 15.05 2.89
CA ILE B 7 -17.28 13.83 3.67
C ILE B 7 -17.53 12.78 2.62
N CYS B 8 -16.93 11.62 2.81
CA CYS B 8 -17.08 10.52 1.86
C CYS B 8 -18.53 10.03 1.81
N SER B 9 -19.02 9.68 0.64
CA SER B 9 -20.39 9.22 0.52
C SER B 9 -20.64 7.86 1.13
N SER B 10 -21.80 7.73 1.77
CA SER B 10 -22.21 6.46 2.37
C SER B 10 -23.12 5.68 1.43
N ARG B 11 -23.31 6.14 0.20
CA ARG B 11 -24.18 5.44 -0.75
C ARG B 11 -23.50 4.23 -1.43
N TYR B 12 -22.20 4.08 -1.22
CA TYR B 12 -21.44 2.99 -1.82
C TYR B 12 -21.88 1.64 -1.30
N GLU B 13 -22.15 0.70 -2.18
CA GLU B 13 -22.55 -0.62 -1.74
C GLU B 13 -21.96 -1.61 -2.73
N PRO B 14 -20.68 -1.94 -2.57
CA PRO B 14 -20.07 -2.87 -3.53
C PRO B 14 -20.46 -4.31 -3.38
N THR B 15 -20.53 -5.02 -4.49
CA THR B 15 -20.80 -6.44 -4.43
C THR B 15 -19.46 -7.00 -4.93
N VAL B 16 -18.86 -7.88 -4.15
CA VAL B 16 -17.57 -8.45 -4.44
C VAL B 16 -17.58 -9.85 -3.84
N ARG B 17 -16.58 -10.66 -4.16
CA ARG B 17 -16.46 -11.98 -3.55
C ARG B 17 -15.66 -11.75 -2.25
N ILE B 18 -15.61 -12.73 -1.37
CA ILE B 18 -14.89 -12.57 -0.13
C ILE B 18 -14.04 -13.80 -0.06
N GLY B 19 -12.73 -13.64 -0.23
CA GLY B 19 -11.82 -14.76 -0.20
C GLY B 19 -11.33 -14.94 1.19
N GLY B 20 -10.98 -16.18 1.54
CA GLY B 20 -10.49 -16.48 2.86
C GLY B 20 -9.55 -17.66 2.86
N ARG B 21 -9.73 -18.56 3.84
CA ARG B 21 -8.88 -19.73 4.04
C ARG B 21 -8.48 -20.49 2.79
N ASP B 22 -7.17 -20.69 2.63
CA ASP B 22 -6.59 -21.39 1.50
C ASP B 22 -7.09 -20.82 0.16
N GLY B 23 -7.42 -19.52 0.11
CA GLY B 23 -7.91 -18.95 -1.13
C GLY B 23 -9.33 -19.33 -1.52
N MET B 24 -10.08 -19.96 -0.63
CA MET B 24 -11.46 -20.34 -0.92
C MET B 24 -12.45 -19.15 -0.73
N CYS B 25 -13.61 -19.23 -1.39
CA CYS B 25 -14.62 -18.18 -1.34
C CYS B 25 -15.80 -18.48 -0.40
N VAL B 26 -16.53 -17.45 0.05
CA VAL B 26 -17.74 -17.58 0.91
C VAL B 26 -18.75 -17.91 -0.18
N ASP B 27 -19.42 -19.05 -0.03
CA ASP B 27 -20.30 -19.59 -1.06
C ASP B 27 -21.66 -20.04 -0.54
N VAL B 28 -22.74 -19.58 -1.17
CA VAL B 28 -24.11 -20.01 -0.79
C VAL B 28 -24.29 -21.36 -1.47
N TYR B 29 -24.14 -22.42 -0.70
CA TYR B 29 -24.20 -23.80 -1.17
C TYR B 29 -25.28 -24.20 -2.20
N ASP B 30 -24.82 -24.57 -3.40
CA ASP B 30 -25.68 -25.00 -4.48
C ASP B 30 -26.69 -23.95 -4.95
N ASN B 31 -26.38 -22.66 -4.74
CA ASN B 31 -27.27 -21.55 -5.11
C ASN B 31 -28.55 -21.81 -4.36
N GLY B 32 -28.40 -22.39 -3.18
CA GLY B 32 -29.55 -22.71 -2.39
C GLY B 32 -29.93 -21.51 -1.57
N TYR B 33 -30.89 -20.75 -2.07
CA TYR B 33 -31.35 -19.56 -1.37
C TYR B 33 -32.63 -19.79 -0.60
N HIS B 34 -32.81 -21.00 -0.11
CA HIS B 34 -33.98 -21.27 0.70
C HIS B 34 -33.58 -20.94 2.14
N ASN B 35 -34.49 -20.33 2.90
CA ASN B 35 -34.20 -19.96 4.28
C ASN B 35 -33.60 -21.06 5.14
N GLY B 36 -32.38 -20.81 5.63
CA GLY B 36 -31.69 -21.77 6.46
C GLY B 36 -30.60 -22.55 5.73
N ASN B 37 -30.46 -22.35 4.43
CA ASN B 37 -29.45 -23.07 3.64
C ASN B 37 -28.07 -22.70 4.20
N ARG B 38 -27.15 -23.66 4.19
CA ARG B 38 -25.81 -23.44 4.74
C ARG B 38 -24.82 -22.71 3.84
N ILE B 39 -24.00 -21.82 4.42
CA ILE B 39 -22.97 -21.10 3.66
C ILE B 39 -21.67 -21.89 3.90
N ILE B 40 -20.92 -22.08 2.82
CA ILE B 40 -19.68 -22.84 2.82
C ILE B 40 -18.42 -22.19 2.23
N MET B 41 -17.29 -22.85 2.42
CA MET B 41 -16.03 -22.42 1.83
C MET B 41 -15.91 -23.27 0.59
N TRP B 42 -15.94 -22.66 -0.56
CA TRP B 42 -15.84 -23.39 -1.80
C TRP B 42 -14.72 -22.83 -2.66
N LYS B 43 -14.40 -23.53 -3.73
CA LYS B 43 -13.38 -23.04 -4.63
C LYS B 43 -13.97 -21.77 -5.27
N CYS B 44 -13.14 -20.76 -5.49
CA CYS B 44 -13.61 -19.53 -6.11
C CYS B 44 -13.71 -19.88 -7.57
N LYS B 45 -14.94 -19.95 -8.04
CA LYS B 45 -15.22 -20.31 -9.40
C LYS B 45 -14.53 -19.47 -10.47
N ASP B 46 -14.29 -20.08 -11.62
CA ASP B 46 -13.64 -19.39 -12.72
C ASP B 46 -14.47 -18.27 -13.32
N ARG B 47 -15.74 -18.20 -12.98
CA ARG B 47 -16.54 -17.11 -13.49
C ARG B 47 -17.30 -16.51 -12.29
N LEU B 48 -17.68 -15.24 -12.40
CA LEU B 48 -18.37 -14.55 -11.33
C LEU B 48 -19.82 -14.95 -11.25
N GLU B 49 -20.15 -15.80 -10.27
CA GLU B 49 -21.53 -16.24 -10.13
C GLU B 49 -22.17 -15.74 -8.86
N GLU B 50 -23.50 -15.65 -8.90
CA GLU B 50 -24.32 -15.16 -7.81
C GLU B 50 -24.13 -15.73 -6.41
N ASN B 51 -24.00 -17.04 -6.26
CA ASN B 51 -23.83 -17.61 -4.92
C ASN B 51 -22.44 -17.32 -4.33
N GLN B 52 -21.60 -16.65 -5.13
CA GLN B 52 -20.25 -16.27 -4.69
C GLN B 52 -20.06 -14.76 -4.61
N LEU B 53 -21.11 -14.01 -4.96
CA LEU B 53 -21.08 -12.53 -4.96
C LEU B 53 -21.91 -11.97 -3.81
N TRP B 54 -21.34 -11.04 -3.06
CA TRP B 54 -22.02 -10.48 -1.90
C TRP B 54 -22.04 -8.97 -1.89
N THR B 55 -23.21 -8.40 -1.65
CA THR B 55 -23.35 -6.96 -1.59
C THR B 55 -23.16 -6.50 -0.17
N LEU B 56 -22.25 -5.54 -0.02
CA LEU B 56 -21.92 -5.00 1.28
C LEU B 56 -22.81 -3.78 1.52
N LYS B 57 -24.03 -4.04 1.95
CA LYS B 57 -24.98 -2.99 2.21
C LYS B 57 -24.54 -2.04 3.30
N SER B 58 -25.09 -0.83 3.24
CA SER B 58 -24.77 0.23 4.19
C SER B 58 -25.43 0.07 5.54
N ASP B 59 -26.29 -0.93 5.69
CA ASP B 59 -26.95 -1.19 6.97
C ASP B 59 -26.18 -2.27 7.75
N LYS B 60 -24.99 -2.59 7.23
CA LYS B 60 -24.06 -3.59 7.78
C LYS B 60 -24.42 -5.03 7.50
N THR B 61 -25.36 -5.26 6.58
CA THR B 61 -25.70 -6.62 6.19
C THR B 61 -24.86 -7.00 4.97
N ILE B 62 -24.68 -8.31 4.81
CA ILE B 62 -23.90 -8.89 3.74
C ILE B 62 -24.91 -9.80 2.97
N ARG B 63 -25.35 -9.32 1.80
CA ARG B 63 -26.34 -10.04 1.01
C ARG B 63 -25.91 -10.67 -0.29
N SER B 64 -26.63 -11.72 -0.70
CA SER B 64 -26.37 -12.44 -1.94
C SER B 64 -27.75 -12.84 -2.38
N ASN B 65 -28.15 -12.35 -3.54
CA ASN B 65 -29.48 -12.62 -4.12
C ASN B 65 -30.58 -12.08 -3.16
N GLY B 66 -30.30 -10.92 -2.57
CA GLY B 66 -31.23 -10.30 -1.65
C GLY B 66 -31.16 -10.86 -0.24
N LYS B 67 -31.16 -12.19 -0.11
CA LYS B 67 -31.10 -12.82 1.21
C LYS B 67 -29.82 -12.40 1.95
N CYS B 68 -29.89 -12.40 3.29
CA CYS B 68 -28.80 -11.99 4.18
C CYS B 68 -27.96 -13.11 4.75
N LEU B 69 -26.66 -12.85 4.89
CA LEU B 69 -25.73 -13.78 5.51
C LEU B 69 -26.10 -13.63 7.00
N THR B 70 -26.67 -14.67 7.60
CA THR B 70 -27.14 -14.65 8.99
C THR B 70 -26.54 -15.75 9.90
N THR B 71 -26.24 -15.44 11.15
CA THR B 71 -25.73 -16.51 12.00
C THR B 71 -26.95 -17.35 12.35
N TYR B 72 -26.69 -18.44 13.06
CA TYR B 72 -27.70 -19.37 13.57
C TYR B 72 -27.95 -18.87 15.00
N GLY B 73 -26.83 -18.72 15.71
CA GLY B 73 -26.86 -18.28 17.10
C GLY B 73 -25.75 -17.33 17.44
N TYR B 74 -25.46 -17.21 18.73
CA TYR B 74 -24.45 -16.30 19.24
C TYR B 74 -23.45 -17.06 20.09
N ALA B 75 -23.29 -18.34 19.81
CA ALA B 75 -22.37 -19.19 20.57
C ALA B 75 -21.31 -19.79 19.66
N PRO B 76 -20.09 -19.89 20.17
CA PRO B 76 -18.98 -20.45 19.41
C PRO B 76 -19.42 -21.79 18.79
N GLY B 77 -19.48 -21.86 17.47
CA GLY B 77 -19.88 -23.12 16.88
C GLY B 77 -21.13 -23.03 16.05
N SER B 78 -21.98 -22.04 16.34
CA SER B 78 -23.22 -21.87 15.58
C SER B 78 -22.86 -21.60 14.10
N TYR B 79 -23.49 -22.31 13.16
CA TYR B 79 -23.17 -22.12 11.75
C TYR B 79 -23.80 -20.85 11.20
N VAL B 80 -23.35 -20.38 10.05
CA VAL B 80 -23.90 -19.16 9.44
C VAL B 80 -24.75 -19.67 8.28
N MET B 81 -25.77 -18.93 7.88
CA MET B 81 -26.64 -19.38 6.82
C MET B 81 -27.21 -18.23 6.01
N ILE B 82 -27.90 -18.56 4.93
CA ILE B 82 -28.54 -17.57 4.11
C ILE B 82 -29.97 -17.48 4.66
N TYR B 83 -30.53 -16.26 4.70
CA TYR B 83 -31.84 -16.11 5.27
C TYR B 83 -32.47 -14.80 4.83
N ASP B 84 -33.79 -14.77 4.75
CA ASP B 84 -34.48 -13.56 4.36
C ASP B 84 -34.12 -12.49 5.37
N CYS B 85 -33.77 -11.31 4.89
CA CYS B 85 -33.34 -10.23 5.75
C CYS B 85 -34.30 -9.75 6.86
N THR B 86 -35.57 -9.58 6.54
CA THR B 86 -36.51 -9.11 7.55
C THR B 86 -37.07 -10.15 8.54
N SER B 87 -36.82 -11.42 8.28
CA SER B 87 -37.34 -12.49 9.12
C SER B 87 -36.43 -13.02 10.22
N ALA B 88 -35.14 -12.77 10.08
CA ALA B 88 -34.21 -13.25 11.06
C ALA B 88 -34.01 -12.18 12.09
N VAL B 89 -33.55 -12.55 13.27
CA VAL B 89 -33.28 -11.56 14.30
C VAL B 89 -32.30 -10.55 13.70
N ALA B 90 -32.71 -9.30 13.60
CA ALA B 90 -31.88 -8.23 13.04
C ALA B 90 -30.39 -8.42 13.34
N GLU B 91 -30.02 -8.40 14.63
CA GLU B 91 -28.63 -8.55 15.09
C GLU B 91 -27.80 -9.74 14.55
N ALA B 92 -28.46 -10.76 14.02
CA ALA B 92 -27.75 -11.92 13.50
C ALA B 92 -27.36 -11.66 12.06
N THR B 93 -27.89 -10.58 11.48
CA THR B 93 -27.59 -10.26 10.10
C THR B 93 -26.56 -9.14 9.95
N TYR B 94 -26.19 -8.49 11.04
CA TYR B 94 -25.20 -7.42 10.96
C TYR B 94 -23.80 -8.01 11.03
N TRP B 95 -22.90 -7.44 10.20
CA TRP B 95 -21.52 -7.90 10.12
C TRP B 95 -20.62 -6.70 9.94
N GLU B 96 -19.38 -6.84 10.37
CA GLU B 96 -18.41 -5.76 10.29
C GLU B 96 -17.10 -6.33 9.76
N ILE B 97 -16.64 -5.80 8.62
CA ILE B 97 -15.41 -6.25 8.02
C ILE B 97 -14.34 -5.22 8.39
N TRP B 98 -13.44 -5.61 9.28
CA TRP B 98 -12.41 -4.74 9.78
C TRP B 98 -11.31 -4.53 8.79
N ASP B 99 -10.39 -3.62 9.11
CA ASP B 99 -9.23 -3.30 8.25
C ASP B 99 -8.22 -4.46 8.26
N ASN B 100 -8.25 -5.27 9.31
CA ASN B 100 -7.33 -6.39 9.44
C ASN B 100 -7.83 -7.70 8.89
N GLY B 101 -8.99 -7.66 8.23
CA GLY B 101 -9.55 -8.87 7.61
C GLY B 101 -10.38 -9.80 8.49
N THR B 102 -11.04 -9.22 9.49
CA THR B 102 -11.89 -9.95 10.45
C THR B 102 -13.36 -9.57 10.18
N ILE B 103 -14.23 -10.56 10.02
CA ILE B 103 -15.64 -10.26 9.79
C ILE B 103 -16.35 -10.64 11.07
N ILE B 104 -16.81 -9.64 11.78
CA ILE B 104 -17.42 -9.90 13.07
C ILE B 104 -18.89 -9.57 13.18
N ASN B 105 -19.59 -10.43 13.90
CA ASN B 105 -21.00 -10.23 14.18
C ASN B 105 -20.93 -9.45 15.49
N PRO B 106 -21.13 -8.12 15.42
CA PRO B 106 -21.10 -7.19 16.54
C PRO B 106 -21.80 -7.68 17.79
N LYS B 107 -23.05 -8.07 17.60
CA LYS B 107 -23.87 -8.58 18.69
C LYS B 107 -23.22 -9.74 19.46
N SER B 108 -22.83 -10.80 18.77
CA SER B 108 -22.24 -11.94 19.46
C SER B 108 -20.78 -11.72 19.76
N ALA B 109 -20.16 -10.83 19.01
CA ALA B 109 -18.72 -10.55 19.13
C ALA B 109 -17.93 -11.80 18.65
N LEU B 110 -18.66 -12.71 18.00
CA LEU B 110 -18.06 -13.91 17.45
C LEU B 110 -17.61 -13.55 16.03
N VAL B 111 -16.75 -14.39 15.47
CA VAL B 111 -16.15 -14.11 14.18
C VAL B 111 -16.28 -15.19 13.09
N LEU B 112 -16.54 -14.78 11.83
CA LEU B 112 -16.67 -15.74 10.72
C LEU B 112 -15.40 -16.60 10.65
N SER B 113 -15.56 -17.90 10.44
CA SER B 113 -14.42 -18.79 10.42
C SER B 113 -14.63 -19.98 9.50
N ALA B 114 -13.54 -20.47 8.95
CA ALA B 114 -13.51 -21.64 8.08
C ALA B 114 -12.75 -22.66 8.91
N GLU B 115 -13.47 -23.37 9.76
CA GLU B 115 -12.83 -24.34 10.64
C GLU B 115 -12.33 -25.58 9.96
N SER B 116 -12.86 -25.87 8.78
CA SER B 116 -12.43 -27.06 8.04
C SER B 116 -11.53 -26.78 6.83
N SER B 117 -10.41 -27.51 6.75
CA SER B 117 -9.47 -27.36 5.64
C SER B 117 -10.07 -27.87 4.32
N SER B 118 -11.12 -28.67 4.43
CA SER B 118 -11.74 -29.21 3.26
C SER B 118 -12.59 -28.22 2.46
N MET B 119 -12.43 -28.28 1.15
CA MET B 119 -13.19 -27.43 0.28
C MET B 119 -14.61 -27.90 0.52
N GLY B 120 -15.52 -26.97 0.77
CA GLY B 120 -16.91 -27.36 0.97
C GLY B 120 -17.37 -27.33 2.40
N GLY B 121 -16.43 -27.12 3.32
CA GLY B 121 -16.77 -27.05 4.74
C GLY B 121 -17.64 -25.86 5.10
N THR B 122 -18.58 -26.08 6.02
CA THR B 122 -19.51 -25.03 6.48
C THR B 122 -18.81 -23.95 7.33
N LEU B 123 -19.27 -22.70 7.21
CA LEU B 123 -18.70 -21.61 7.95
C LEU B 123 -19.44 -21.48 9.26
N THR B 124 -18.71 -21.13 10.31
CA THR B 124 -19.27 -20.97 11.63
C THR B 124 -18.79 -19.63 12.24
N VAL B 125 -19.35 -19.29 13.39
CA VAL B 125 -18.95 -18.10 14.10
C VAL B 125 -18.17 -18.63 15.29
N GLN B 126 -16.95 -18.13 15.50
CA GLN B 126 -16.10 -18.61 16.58
C GLN B 126 -15.54 -17.46 17.41
N THR B 127 -14.86 -17.80 18.49
CA THR B 127 -14.27 -16.76 19.30
C THR B 127 -13.11 -16.23 18.44
N ASN B 128 -12.89 -14.92 18.52
CA ASN B 128 -11.85 -14.29 17.75
C ASN B 128 -10.48 -14.49 18.37
N GLU B 129 -9.62 -15.18 17.62
CA GLU B 129 -8.24 -15.44 18.03
C GLU B 129 -7.27 -14.96 16.95
N TYR B 130 -7.78 -14.26 15.94
CA TYR B 130 -6.95 -13.78 14.85
C TYR B 130 -6.19 -14.94 14.19
N LEU B 131 -6.89 -16.03 13.96
CA LEU B 131 -6.32 -17.23 13.34
C LEU B 131 -6.30 -17.07 11.81
N MET B 132 -5.40 -17.77 11.13
CA MET B 132 -5.36 -17.65 9.70
C MET B 132 -6.72 -18.04 9.12
N ARG B 133 -7.42 -18.95 9.80
CA ARG B 133 -8.73 -19.43 9.35
C ARG B 133 -9.92 -18.54 9.68
N GLN B 134 -9.63 -17.29 10.06
CA GLN B 134 -10.62 -16.26 10.40
C GLN B 134 -10.12 -14.94 9.76
N GLY B 135 -9.44 -15.06 8.62
CA GLY B 135 -8.90 -13.91 7.91
C GLY B 135 -9.53 -13.89 6.56
N TRP B 136 -10.02 -12.74 6.14
CA TRP B 136 -10.67 -12.66 4.83
C TRP B 136 -10.14 -11.44 4.10
N ARG B 137 -10.55 -11.32 2.86
CA ARG B 137 -10.17 -10.19 2.03
C ARG B 137 -11.23 -10.07 0.92
N THR B 138 -11.78 -8.88 0.75
CA THR B 138 -12.80 -8.64 -0.25
C THR B 138 -12.26 -8.31 -1.64
N GLY B 139 -13.12 -8.45 -2.64
CA GLY B 139 -12.74 -8.16 -4.00
C GLY B 139 -12.96 -9.38 -4.86
N ASN B 140 -13.51 -9.17 -6.05
CA ASN B 140 -13.77 -10.24 -7.01
C ASN B 140 -12.53 -11.07 -7.37
N ASN B 141 -11.37 -10.44 -7.41
CA ASN B 141 -10.15 -11.14 -7.72
C ASN B 141 -9.54 -11.56 -6.40
N THR B 142 -9.54 -12.87 -6.18
CA THR B 142 -9.07 -13.56 -4.98
C THR B 142 -7.67 -14.15 -5.16
N SER B 143 -7.01 -13.77 -6.25
CA SER B 143 -5.70 -14.28 -6.55
C SER B 143 -4.64 -13.80 -5.59
N PRO B 144 -3.71 -14.68 -5.17
CA PRO B 144 -2.66 -14.24 -4.25
C PRO B 144 -1.72 -13.25 -4.90
N PHE B 145 -1.01 -12.51 -4.07
CA PHE B 145 -0.09 -11.54 -4.56
C PHE B 145 1.28 -12.19 -4.41
N VAL B 146 1.83 -12.63 -5.53
CA VAL B 146 3.14 -13.27 -5.57
C VAL B 146 4.16 -12.14 -5.67
N THR B 147 5.07 -12.04 -4.69
CA THR B 147 6.06 -10.98 -4.63
C THR B 147 7.29 -11.47 -3.91
N SER B 148 8.40 -10.74 -4.03
CA SER B 148 9.62 -11.05 -3.32
C SER B 148 9.44 -10.17 -2.08
N ILE B 149 10.35 -10.26 -1.11
CA ILE B 149 10.24 -9.45 0.09
C ILE B 149 11.63 -9.15 0.59
N SER B 150 12.01 -7.87 0.58
CA SER B 150 13.31 -7.46 1.06
C SER B 150 13.16 -6.79 2.42
N GLY B 151 14.26 -6.69 3.13
CA GLY B 151 14.21 -6.09 4.44
C GLY B 151 15.57 -5.52 4.78
N TYR B 152 16.02 -5.84 5.98
CA TYR B 152 17.26 -5.37 6.50
C TYR B 152 18.45 -5.49 5.58
N SER B 153 19.19 -4.38 5.41
CA SER B 153 20.38 -4.36 4.57
C SER B 153 20.06 -4.67 3.13
N ASP B 154 18.80 -4.46 2.75
CA ASP B 154 18.29 -4.71 1.40
C ASP B 154 18.38 -6.16 0.94
N LEU B 155 18.36 -7.07 1.91
CA LEU B 155 18.40 -8.49 1.61
C LEU B 155 16.94 -9.01 1.46
N CYS B 156 16.76 -10.06 0.67
CA CYS B 156 15.45 -10.63 0.45
C CYS B 156 15.26 -11.91 1.24
N MET B 157 14.02 -12.14 1.70
CA MET B 157 13.62 -13.35 2.44
C MET B 157 13.73 -14.51 1.50
N GLN B 158 14.40 -15.57 1.93
CA GLN B 158 14.57 -16.73 1.08
C GLN B 158 14.22 -18.04 1.81
N ALA B 159 13.51 -18.91 1.11
CA ALA B 159 13.09 -20.17 1.67
C ALA B 159 14.18 -21.16 1.36
N GLN B 160 14.70 -21.79 2.40
CA GLN B 160 15.73 -22.80 2.24
C GLN B 160 15.24 -24.01 3.01
N GLY B 161 14.38 -24.79 2.36
CA GLY B 161 13.83 -25.96 3.03
C GLY B 161 12.68 -25.53 3.91
N SER B 162 12.82 -25.66 5.23
CA SER B 162 11.80 -25.25 6.16
C SER B 162 12.31 -24.07 6.99
N ASN B 163 13.44 -23.50 6.56
CA ASN B 163 14.04 -22.37 7.25
C ASN B 163 13.89 -21.14 6.37
N VAL B 164 14.19 -19.98 6.92
CA VAL B 164 14.11 -18.72 6.17
C VAL B 164 15.09 -17.72 6.80
N TRP B 165 15.89 -17.03 5.98
CA TRP B 165 16.84 -15.99 6.44
C TRP B 165 17.02 -14.96 5.32
N MET B 166 17.81 -13.92 5.56
CA MET B 166 18.05 -12.88 4.54
C MET B 166 19.19 -13.29 3.59
N ALA B 167 19.02 -13.03 2.29
CA ALA B 167 20.05 -13.39 1.31
C ALA B 167 20.01 -12.36 0.20
N ASP B 168 20.96 -12.45 -0.74
CA ASP B 168 21.02 -11.50 -1.84
C ASP B 168 19.74 -11.60 -2.68
N CYS B 169 19.15 -10.46 -2.97
CA CYS B 169 17.96 -10.46 -3.79
C CYS B 169 18.38 -10.94 -5.18
N ASP B 170 17.70 -11.96 -5.68
CA ASP B 170 18.03 -12.55 -6.96
C ASP B 170 16.70 -12.81 -7.66
N SER B 171 16.40 -11.99 -8.65
CA SER B 171 15.16 -12.14 -9.38
C SER B 171 14.92 -13.59 -9.83
N ASN B 172 16.00 -14.29 -10.16
CA ASN B 172 15.92 -15.68 -10.63
C ASN B 172 15.47 -16.72 -9.59
N LYS B 173 15.87 -16.53 -8.34
CA LYS B 173 15.51 -17.51 -7.34
C LYS B 173 14.01 -17.64 -7.10
N LYS B 174 13.51 -18.86 -7.25
CA LYS B 174 12.11 -19.12 -7.02
C LYS B 174 11.87 -19.33 -5.52
N GLU B 175 12.95 -19.42 -4.74
CA GLU B 175 12.84 -19.62 -3.29
C GLU B 175 12.74 -18.29 -2.59
N GLN B 176 12.62 -17.23 -3.37
CA GLN B 176 12.49 -15.90 -2.79
C GLN B 176 11.15 -15.33 -3.20
N GLN B 177 10.32 -16.14 -3.84
CA GLN B 177 8.99 -15.69 -4.24
C GLN B 177 8.02 -16.22 -3.18
N TRP B 178 7.06 -15.39 -2.79
CA TRP B 178 6.06 -15.75 -1.78
C TRP B 178 4.68 -15.41 -2.29
N ALA B 179 3.67 -16.22 -1.96
CA ALA B 179 2.29 -15.93 -2.37
C ALA B 179 1.54 -15.46 -1.14
N LEU B 180 1.19 -14.17 -1.13
CA LEU B 180 0.49 -13.55 0.00
C LEU B 180 -0.98 -13.84 -0.21
N TYR B 181 -1.54 -14.75 0.60
CA TYR B 181 -2.93 -15.14 0.45
C TYR B 181 -4.00 -14.25 1.07
N THR B 182 -5.24 -14.52 0.66
CA THR B 182 -6.42 -13.82 1.11
C THR B 182 -6.61 -13.97 2.63
N ASP B 183 -6.20 -15.11 3.19
CA ASP B 183 -6.35 -15.36 4.63
C ASP B 183 -5.25 -14.70 5.45
N GLY B 184 -4.33 -14.03 4.79
CA GLY B 184 -3.26 -13.36 5.50
C GLY B 184 -2.02 -14.19 5.71
N SER B 185 -1.90 -15.31 5.02
CA SER B 185 -0.70 -16.12 5.18
C SER B 185 0.34 -15.74 4.12
N ILE B 186 1.59 -16.13 4.38
CA ILE B 186 2.73 -15.88 3.51
C ILE B 186 3.25 -17.25 3.06
N ARG B 187 2.83 -17.71 1.88
CA ARG B 187 3.22 -19.02 1.39
C ARG B 187 4.35 -19.07 0.41
N SER B 188 5.15 -20.14 0.50
CA SER B 188 6.28 -20.30 -0.40
C SER B 188 5.76 -20.74 -1.74
N VAL B 189 6.13 -20.03 -2.79
CA VAL B 189 5.70 -20.35 -4.13
C VAL B 189 6.18 -21.76 -4.56
N GLN B 190 7.20 -22.27 -3.90
CA GLN B 190 7.71 -23.59 -4.25
C GLN B 190 6.77 -24.71 -3.81
N ASN B 191 6.06 -24.50 -2.70
CA ASN B 191 5.07 -25.44 -2.20
C ASN B 191 4.12 -24.60 -1.38
N THR B 192 2.98 -24.24 -1.98
CA THR B 192 1.99 -23.40 -1.33
C THR B 192 1.27 -24.06 -0.16
N ASN B 193 1.73 -25.25 0.22
CA ASN B 193 1.17 -25.93 1.35
C ASN B 193 1.93 -25.51 2.60
N ASN B 194 2.99 -24.70 2.40
CA ASN B 194 3.82 -24.16 3.48
C ASN B 194 3.56 -22.68 3.73
N CYS B 195 3.55 -22.29 5.00
CA CYS B 195 3.26 -20.95 5.47
C CYS B 195 4.33 -20.48 6.45
N LEU B 196 4.73 -19.21 6.38
CA LEU B 196 5.71 -18.65 7.33
C LEU B 196 5.00 -18.71 8.68
N THR B 197 5.63 -19.33 9.67
CA THR B 197 4.99 -19.54 10.96
C THR B 197 5.93 -19.18 12.08
N SER B 198 5.42 -18.83 13.24
CA SER B 198 6.28 -18.55 14.38
C SER B 198 6.20 -19.81 15.26
N LYS B 199 7.34 -20.35 15.64
CA LYS B 199 7.40 -21.56 16.46
C LYS B 199 6.54 -21.39 17.72
N ASP B 200 6.69 -20.27 18.40
CA ASP B 200 5.93 -20.03 19.61
C ASP B 200 5.33 -18.65 19.54
N HIS B 201 4.79 -18.22 20.66
CA HIS B 201 4.17 -16.93 20.75
C HIS B 201 4.99 -15.99 21.60
N LYS B 202 6.16 -16.45 22.02
CA LYS B 202 7.06 -15.68 22.89
C LYS B 202 8.00 -14.78 22.07
N GLN B 203 8.46 -13.70 22.66
CA GLN B 203 9.41 -12.83 21.98
C GLN B 203 10.63 -13.71 21.77
N GLY B 204 11.32 -13.54 20.64
CA GLY B 204 12.45 -14.38 20.36
C GLY B 204 12.06 -15.59 19.51
N SER B 205 10.78 -15.95 19.52
CA SER B 205 10.32 -17.08 18.73
C SER B 205 10.79 -16.97 17.29
N THR B 206 11.39 -18.03 16.82
CA THR B 206 11.88 -18.11 15.47
C THR B 206 10.71 -18.39 14.54
N ILE B 207 10.63 -17.68 13.42
CA ILE B 207 9.58 -17.91 12.45
C ILE B 207 10.21 -18.75 11.32
N LEU B 208 9.48 -19.73 10.81
CA LEU B 208 9.99 -20.58 9.75
C LEU B 208 8.82 -21.10 8.95
N LEU B 209 8.99 -22.15 8.17
CA LEU B 209 7.88 -22.68 7.37
C LEU B 209 7.27 -23.94 7.95
N MET B 210 5.94 -23.98 8.03
CA MET B 210 5.22 -25.15 8.52
C MET B 210 3.98 -25.24 7.66
N GLY B 211 3.28 -26.37 7.69
CA GLY B 211 2.10 -26.56 6.89
C GLY B 211 0.98 -25.61 7.24
N CYS B 212 0.26 -25.15 6.23
CA CYS B 212 -0.84 -24.23 6.46
C CYS B 212 -2.14 -24.94 6.86
N SER B 213 -2.09 -26.26 6.98
CA SER B 213 -3.30 -27.06 7.28
C SER B 213 -4.14 -26.71 8.50
N ASN B 214 -3.47 -26.34 9.59
CA ASN B 214 -4.14 -25.99 10.83
C ASN B 214 -4.69 -24.55 10.91
N GLY B 215 -4.14 -23.67 10.07
CA GLY B 215 -4.59 -22.29 10.06
C GLY B 215 -4.54 -21.56 11.39
N TRP B 216 -3.43 -21.71 12.11
CA TRP B 216 -3.24 -21.08 13.42
C TRP B 216 -3.00 -19.59 13.35
N ALA B 217 -2.95 -18.97 14.54
CA ALA B 217 -2.69 -17.54 14.69
C ALA B 217 -1.29 -17.18 14.15
N SER B 218 -0.30 -17.99 14.51
CA SER B 218 1.08 -17.78 14.09
C SER B 218 1.29 -17.92 12.56
N GLN B 219 0.21 -18.02 11.80
CA GLN B 219 0.34 -18.19 10.36
C GLN B 219 -0.48 -17.13 9.64
N ARG B 220 -0.90 -16.12 10.37
CA ARG B 220 -1.66 -15.04 9.76
C ARG B 220 -0.82 -13.81 10.00
N TRP B 221 -0.59 -13.03 8.96
CA TRP B 221 0.27 -11.84 9.05
C TRP B 221 -0.35 -10.63 8.35
N VAL B 222 -0.03 -9.47 8.91
CA VAL B 222 -0.56 -8.23 8.38
C VAL B 222 0.60 -7.24 8.05
N PHE B 223 0.60 -6.75 6.79
CA PHE B 223 1.60 -5.78 6.33
C PHE B 223 1.13 -4.33 6.58
N LYS B 224 1.70 -3.73 7.62
CA LYS B 224 1.37 -2.37 8.05
C LYS B 224 2.09 -1.32 7.20
N ASN B 225 1.53 -0.12 7.17
CA ASN B 225 2.09 0.95 6.39
C ASN B 225 3.45 1.41 6.91
N ASP B 226 3.73 1.11 8.17
CA ASP B 226 5.01 1.49 8.75
C ASP B 226 6.15 0.59 8.27
N GLY B 227 5.79 -0.49 7.58
CA GLY B 227 6.78 -1.42 7.07
C GLY B 227 6.83 -2.73 7.82
N SER B 228 6.15 -2.83 8.96
CA SER B 228 6.23 -4.09 9.68
C SER B 228 5.28 -5.14 9.17
N ILE B 229 5.62 -6.39 9.48
CA ILE B 229 4.83 -7.58 9.15
C ILE B 229 4.41 -7.97 10.58
N TYR B 230 3.18 -7.61 10.89
CA TYR B 230 2.60 -7.75 12.20
C TYR B 230 1.74 -8.98 12.52
N SER B 231 1.88 -9.47 13.75
CA SER B 231 1.10 -10.62 14.22
C SER B 231 -0.03 -10.06 15.06
N LEU B 232 -1.24 -10.12 14.55
CA LEU B 232 -2.42 -9.61 15.26
C LEU B 232 -2.63 -10.24 16.66
N TYR B 233 -2.47 -11.54 16.76
CA TYR B 233 -2.67 -12.28 18.02
C TYR B 233 -1.64 -11.94 19.09
N ASP B 234 -0.38 -12.24 18.81
CA ASP B 234 0.71 -11.90 19.72
C ASP B 234 0.90 -10.52 19.18
N ASP B 235 1.01 -9.51 20.02
CA ASP B 235 1.16 -8.14 19.52
C ASP B 235 2.63 -7.93 19.08
N MET B 236 3.10 -8.77 18.14
CA MET B 236 4.49 -8.72 17.71
C MET B 236 4.72 -8.82 16.20
N VAL B 237 5.93 -8.43 15.79
CA VAL B 237 6.34 -8.39 14.38
C VAL B 237 7.59 -9.23 14.01
N MET B 238 7.81 -9.42 12.70
CA MET B 238 8.98 -10.15 12.23
C MET B 238 10.20 -9.30 12.50
N ASP B 239 11.26 -9.95 12.94
CA ASP B 239 12.49 -9.25 13.31
C ASP B 239 13.74 -9.88 12.76
N VAL B 240 14.52 -9.14 11.98
CA VAL B 240 15.79 -9.69 11.52
C VAL B 240 16.63 -9.56 12.80
N LYS B 241 16.93 -10.71 13.39
CA LYS B 241 17.65 -10.81 14.65
C LYS B 241 18.94 -10.00 14.85
N GLY B 242 18.91 -9.16 15.88
CA GLY B 242 20.03 -8.30 16.24
C GLY B 242 20.63 -7.59 15.05
N SER B 243 19.78 -7.14 14.13
CA SER B 243 20.21 -6.46 12.91
C SER B 243 21.40 -7.19 12.32
N ASP B 244 21.41 -8.52 12.47
CA ASP B 244 22.50 -9.34 12.00
C ASP B 244 22.01 -10.42 11.04
N PRO B 245 22.06 -10.14 9.73
CA PRO B 245 21.61 -11.12 8.76
C PRO B 245 22.38 -12.44 8.86
N SER B 246 23.63 -12.37 9.31
CA SER B 246 24.50 -13.55 9.42
C SER B 246 24.03 -14.66 10.37
N LEU B 247 23.11 -14.34 11.27
CA LEU B 247 22.59 -15.33 12.23
C LEU B 247 21.55 -16.24 11.57
N LYS B 248 21.20 -15.91 10.32
CA LYS B 248 20.22 -16.62 9.50
C LYS B 248 18.89 -16.88 10.25
N GLN B 249 18.40 -15.84 10.92
CA GLN B 249 17.19 -15.96 11.71
C GLN B 249 16.28 -14.77 11.67
N ILE B 250 15.00 -15.05 11.53
CA ILE B 250 13.98 -14.02 11.56
C ILE B 250 13.09 -14.44 12.73
N ILE B 251 13.04 -13.61 13.76
CA ILE B 251 12.28 -13.98 14.92
C ILE B 251 11.09 -13.07 15.15
N LEU B 252 10.34 -13.36 16.20
CA LEU B 252 9.17 -12.59 16.58
C LEU B 252 9.64 -11.56 17.62
N TRP B 253 9.25 -10.31 17.48
CA TRP B 253 9.71 -9.27 18.39
C TRP B 253 8.77 -8.06 18.44
N PRO B 254 8.67 -7.39 19.59
CA PRO B 254 7.78 -6.24 19.60
C PRO B 254 8.29 -5.10 18.70
N TYR B 255 7.37 -4.33 18.16
CA TYR B 255 7.71 -3.23 17.26
C TYR B 255 8.43 -2.06 17.92
N THR B 256 9.67 -1.82 17.48
CA THR B 256 10.43 -0.69 17.99
C THR B 256 10.71 0.25 16.81
N GLY B 257 10.33 -0.18 15.61
CA GLY B 257 10.52 0.64 14.42
C GLY B 257 11.93 0.70 13.89
N LYS B 258 12.83 -0.08 14.45
CA LYS B 258 14.21 -0.10 14.00
C LYS B 258 14.20 -0.65 12.57
N PRO B 259 15.29 -0.46 11.79
CA PRO B 259 15.47 -0.91 10.39
C PRO B 259 15.40 -2.43 10.16
N ASN B 260 15.64 -3.20 11.21
CA ASN B 260 15.60 -4.66 11.16
C ASN B 260 14.16 -5.15 11.25
N GLN B 261 13.22 -4.21 11.34
CA GLN B 261 11.81 -4.53 11.43
C GLN B 261 10.97 -4.04 10.27
N ILE B 262 11.60 -3.34 9.31
CA ILE B 262 10.88 -2.81 8.16
C ILE B 262 11.04 -3.72 6.96
N TRP B 263 9.97 -3.97 6.24
CA TRP B 263 10.00 -4.85 5.09
C TRP B 263 9.29 -4.16 3.96
N LEU B 264 9.52 -4.65 2.74
CA LEU B 264 8.91 -4.10 1.54
C LEU B 264 8.57 -5.18 0.49
N THR B 265 7.37 -5.09 -0.09
CA THR B 265 6.98 -6.00 -1.16
C THR B 265 7.46 -5.40 -2.49
N LEU B 266 8.34 -6.12 -3.16
CA LEU B 266 8.93 -5.71 -4.42
C LEU B 266 8.13 -6.04 -5.68
N PHE B 267 6.88 -6.48 -5.54
CA PHE B 267 6.06 -6.82 -6.71
C PHE B 267 6.74 -7.76 -7.70
C1 NDG C . -7.90 -3.92 14.58
C2 NDG C . -7.49 -4.21 16.02
C3 NDG C . -8.67 -4.01 16.89
C4 NDG C . -9.47 -2.86 16.26
C5 NDG C . -10.11 -3.33 14.97
C6 NDG C . -10.32 -2.15 14.02
C7 NDG C . -5.58 -5.68 16.07
C8 NDG C . -4.74 -4.44 15.85
O5 NDG C . -9.25 -4.30 14.34
O3 NDG C . -8.23 -3.67 18.21
O4 NDG C . -10.49 -2.40 17.15
O6 NDG C . -10.93 -2.60 12.83
O7 NDG C . -5.03 -6.76 16.16
N2 NDG C . -6.90 -5.53 16.13
HO3 NDG C . -7.69 -4.38 18.56
HO6 NDG C . -10.36 -3.26 12.40
HN2 NDG C . -7.48 -6.31 16.25
C1 NGZ C . -10.10 -1.08 17.60
C2 NGZ C . -11.45 -0.35 17.83
C3 NGZ C . -11.59 0.06 19.30
C4 NGZ C . -10.33 0.80 19.73
C5 NGZ C . -9.09 -0.18 19.58
C6 NGZ C . -7.91 0.49 18.84
C7 NGZ C . -13.32 -0.73 16.35
C8 NGZ C . -12.83 0.51 15.58
N2 NGZ C . -12.60 -1.10 17.40
O3 NGZ C . -12.75 0.90 19.44
O4 NGZ C . -10.47 1.28 21.08
O5 NGZ C . -9.48 -1.38 18.86
O6 NGZ C . -6.80 -0.40 18.69
O7 NGZ C . -14.31 -1.37 15.98
HN2 NGZ C . -12.77 -1.89 17.92
HO3 NGZ C . -12.65 1.68 18.92
HO6 NGZ C . -6.50 -0.69 19.56
C1 MAN C . -10.58 2.52 21.81
C2 MAN C . -11.59 3.73 21.58
C3 MAN C . -11.41 5.02 22.52
C4 MAN C . -10.03 5.15 23.15
C5 MAN C . -9.06 4.19 22.48
C6 MAN C . -7.61 4.39 22.97
O2 MAN C . -11.59 4.12 20.21
O3 MAN C . -12.44 5.08 23.53
O4 MAN C . -9.57 6.50 23.03
O5 MAN C . -9.51 2.85 22.71
O6 MAN C . -7.53 5.03 24.24
HO2 MAN C . -10.71 4.42 19.96
HO4 MAN C . -9.48 6.72 22.10
C1 BMA C . -13.47 5.92 24.09
C2 BMA C . -14.56 6.27 23.03
C3 BMA C . -15.44 7.43 23.53
C4 BMA C . -16.01 7.07 24.92
C5 BMA C . -14.89 6.60 25.90
C6 BMA C . -15.53 6.10 27.21
O2 BMA C . -15.37 5.11 22.73
O3 BMA C . -16.52 7.66 22.61
O4 BMA C . -16.67 8.22 25.46
O5 BMA C . -14.11 5.54 25.33
O6 BMA C . -16.15 7.14 27.96
HO2 BMA C . -15.75 4.77 23.54
HO3 BMA C . -17.07 8.37 22.94
HO4 BMA C . -17.39 8.49 24.89
HO6 BMA C . -16.53 6.77 28.77
C1 MAN C . -7.21 4.80 25.62
C2 MAN C . -8.32 4.22 26.55
C3 MAN C . -8.79 5.31 27.44
C4 MAN C . -8.34 6.70 26.91
C5 MAN C . -6.83 6.80 26.83
C6 MAN C . -6.19 7.33 28.15
O2 MAN C . -7.79 3.15 27.37
O3 MAN C . -8.29 5.08 28.76
O4 MAN C . -8.88 6.94 25.59
O5 MAN C . -6.27 5.53 26.43
O6 MAN C . -6.59 6.63 29.32
HO2 MAN C . -8.49 2.80 27.93
HO3 MAN C . -7.35 4.91 28.66
HO4 MAN C . -9.84 6.92 25.62
HO6 MAN C . -6.14 7.01 30.09
C1 NDG D . -17.66 -3.27 -6.66
C2 NDG D . -18.84 -3.35 -7.63
C3 NDG D . -18.80 -4.72 -8.40
C4 NDG D . -17.39 -5.16 -8.81
C5 NDG D . -16.31 -4.79 -7.78
C6 NDG D . -14.98 -4.89 -8.47
C7 NDG D . -21.20 -2.70 -7.39
C8 NDG D . -21.16 -2.16 -8.83
O5 NDG D . -16.45 -3.45 -7.35
O3 NDG D . -19.60 -4.66 -9.57
O4 NDG D . -17.40 -6.58 -8.94
O6 NDG D . -14.85 -3.86 -9.45
O7 NDG D . -22.25 -2.59 -6.75
N2 NDG D . -20.08 -3.20 -6.89
HO3 NDG D . -20.52 -4.55 -9.33
HO6 NDG D . -14.01 -3.95 -9.90
HN2 NDG D . -20.08 -3.48 -5.95
C1 NDG D . -18.29 -6.95 -9.98
C2 NDG D . -17.70 -7.03 -11.38
C3 NDG D . -18.07 -8.38 -12.00
C4 NDG D . -19.57 -8.61 -11.90
C5 NDG D . -19.99 -8.49 -10.44
C6 NDG D . -21.11 -7.44 -10.23
C7 NDG D . -17.33 -5.14 -12.88
C8 NDG D . -15.84 -5.49 -12.81
O5 NDG D . -18.85 -8.21 -9.62
O3 NDG D . -17.64 -8.44 -13.36
O4 NDG D . -19.86 -9.94 -12.34
O6 NDG D . -20.90 -6.19 -10.88
O7 NDG D . -17.71 -4.18 -13.57
N2 NDG D . -18.17 -5.91 -12.20
HO3 NDG D . -16.69 -8.32 -13.40
HO6 NDG D . -20.85 -6.31 -11.83
HN2 NDG D . -19.13 -5.72 -12.24
C2 BGC D . -21.84 -9.56 -13.44
C3 BGC D . -22.22 -10.38 -14.66
C4 BGC D . -23.28 -11.41 -14.25
C5 BGC D . -23.03 -11.89 -12.78
C6 BGC D . -23.55 -13.31 -12.55
C1 BGC D . -21.19 -10.47 -12.34
O2 BGC D . -23.00 -8.92 -12.91
O3 BGC D . -21.05 -11.04 -15.16
O4 BGC D . -24.60 -10.84 -14.36
O5 BGC D . -21.62 -11.85 -12.50
O6 BGC D . -22.88 -14.26 -13.39
HO2 BGC D . -22.75 -8.29 -12.22
HO4 BGC D . -25.26 -11.49 -14.15
C1 BMA D . -19.78 -10.36 -15.34
C2 BMA D . -18.40 -11.02 -15.12
C3 BMA D . -17.58 -10.95 -16.40
C4 BMA D . -17.26 -9.48 -16.69
C5 BMA D . -18.46 -8.59 -16.27
C6 BMA D . -18.57 -7.37 -17.21
O2 BMA D . -18.55 -12.39 -14.71
O3 BMA D . -18.34 -11.50 -17.49
O4 BMA D . -16.09 -9.11 -15.95
O5 BMA D . -19.68 -9.35 -16.36
O6 BMA D . -17.35 -6.65 -17.29
HO2 BMA D . -19.13 -12.42 -13.93
HO3 BMA D . -17.84 -11.42 -18.31
HO4 BMA D . -15.34 -9.65 -16.21
HO6 BMA D . -16.65 -7.20 -17.68
C1 MAN D . -22.74 -15.12 -14.53
C2 MAN D . -21.27 -15.71 -14.62
C3 MAN D . -20.54 -15.11 -15.87
C4 MAN D . -21.36 -15.37 -17.16
C5 MAN D . -22.83 -14.94 -16.95
C6 MAN D . -23.82 -16.13 -17.07
O2 MAN D . -21.33 -17.14 -14.71
O3 MAN D . -19.24 -15.69 -15.97
O4 MAN D . -20.79 -14.62 -18.24
O5 MAN D . -22.98 -14.28 -15.69
O6 MAN D . -25.16 -15.70 -16.96
HO2 MAN D . -21.83 -17.49 -13.97
HO3 MAN D . -18.80 -15.36 -16.77
HO4 MAN D . -19.87 -14.88 -18.37
HO6 MAN D . -25.27 -15.26 -16.11
#